data_4UDB
#
_entry.id   4UDB
#
_cell.length_a   75.919
_cell.length_b   75.919
_cell.length_c   116.996
_cell.angle_alpha   90.00
_cell.angle_beta   90.00
_cell.angle_gamma   90.00
#
_symmetry.space_group_name_H-M   'P 41 21 2'
#
loop_
_entity.id
_entity.type
_entity.pdbx_description
1 polymer 'MINERALOCORTICOID RECEPTOR'
2 polymer 'NUCLEAR RECEPTOR COACTIVATOR 1'
3 non-polymer 'DIMETHYL SULFOXIDE'
4 non-polymer GLYCEROL
5 non-polymer 'SULFATE ION'
6 non-polymer 'DESISOBUYTYRYL CICLESONIDE'
7 water water
#
loop_
_entity_poly.entity_id
_entity_poly.type
_entity_poly.pdbx_seq_one_letter_code
_entity_poly.pdbx_strand_id
1 'polypeptide(L)'
;MHNHNHNHNHNHNGGENLYFQGTPSPVMVLENIEPEIVYAGYDSSKPDTAENLLSTLNRLAGKQMIQVVKWAKVLPGFKN
LPLEDQITLIQYSWMSLLSFALSWRSYKHTNSQFLYFAPDLVFNEEKMHQSAMYELCQGMHQISLQFVRLQLTFEEYTIM
KVLLLLSTIPKDGLKSQAAFEEMRTNYIKELRKMVTKSPNNSGQSWQRFYQLTKLLDSMHDLVSDLLEFCFYTFRESHAL
KVEFPAMLVEIISDQLPKVESGNAKPLYFHRK
;
A
2 'polypeptide(L)' PQAQQKSLLQQLLTE B
#
loop_
_chem_comp.id
_chem_comp.type
_chem_comp.name
_chem_comp.formula
CV7 non-polymer 'DESISOBUYTYRYL CICLESONIDE' 'C28 H38 O6'
DMS non-polymer 'DIMETHYL SULFOXIDE' 'C2 H6 O S'
GOL non-polymer GLYCEROL 'C3 H8 O3'
SO4 non-polymer 'SULFATE ION' 'O4 S -2'
#
# COMPACT_ATOMS: atom_id res chain seq x y z
N SER A 25 -13.33 -1.43 -19.42
CA SER A 25 -11.98 -1.00 -19.01
C SER A 25 -11.98 -0.26 -17.65
N PRO A 26 -11.38 -0.87 -16.59
CA PRO A 26 -11.35 -0.19 -15.27
C PRO A 26 -10.35 0.96 -15.17
N VAL A 27 -9.39 1.02 -16.12
CA VAL A 27 -8.32 2.02 -16.22
C VAL A 27 -8.88 3.45 -16.18
N MET A 28 -9.95 3.71 -16.97
CA MET A 28 -10.64 5.00 -17.04
C MET A 28 -11.23 5.38 -15.67
N VAL A 29 -11.91 4.39 -15.00
CA VAL A 29 -12.52 4.51 -13.66
C VAL A 29 -11.41 4.80 -12.62
N LEU A 30 -10.29 4.03 -12.69
CA LEU A 30 -9.12 4.14 -11.80
C LEU A 30 -8.49 5.54 -11.77
N GLU A 31 -8.36 6.19 -12.94
CA GLU A 31 -7.82 7.54 -13.02
C GLU A 31 -8.78 8.54 -12.32
N ASN A 32 -10.10 8.32 -12.48
CA ASN A 32 -11.14 9.19 -11.92
C ASN A 32 -11.24 9.17 -10.39
N ILE A 33 -11.15 7.97 -9.78
CA ILE A 33 -11.31 7.72 -8.33
C ILE A 33 -10.02 7.88 -7.52
N GLU A 34 -8.90 8.23 -8.20
CA GLU A 34 -7.60 8.41 -7.57
C GLU A 34 -7.61 9.50 -6.47
N PRO A 35 -7.18 9.15 -5.24
CA PRO A 35 -7.17 10.14 -4.15
C PRO A 35 -6.26 11.35 -4.40
N GLU A 36 -6.65 12.51 -3.83
CA GLU A 36 -5.87 13.74 -3.91
C GLU A 36 -4.79 13.71 -2.80
N ILE A 37 -3.79 14.60 -2.90
CA ILE A 37 -2.69 14.67 -1.92
C ILE A 37 -3.14 15.22 -0.55
N VAL A 38 -2.57 14.68 0.53
CA VAL A 38 -2.81 15.11 1.91
C VAL A 38 -1.52 15.64 2.55
N TYR A 39 -1.65 16.68 3.38
CA TYR A 39 -0.54 17.33 4.08
C TYR A 39 -0.29 16.70 5.43
N ALA A 40 0.97 16.73 5.89
CA ALA A 40 1.40 16.15 7.17
C ALA A 40 1.14 17.07 8.36
N GLY A 41 1.32 18.38 8.14
CA GLY A 41 1.23 19.43 9.15
C GLY A 41 2.45 19.35 10.05
N TYR A 42 3.66 19.24 9.44
CA TYR A 42 4.93 19.09 10.15
C TYR A 42 5.32 20.34 10.96
N ASP A 43 5.83 20.11 12.21
CA ASP A 43 6.26 21.05 13.27
C ASP A 43 6.30 22.54 12.86
N PRO A 47 9.72 19.59 16.78
CA PRO A 47 10.81 19.36 17.74
C PRO A 47 11.96 18.51 17.18
N ASP A 48 11.75 17.93 15.97
CA ASP A 48 12.68 17.12 15.17
C ASP A 48 13.30 15.91 15.91
N THR A 49 12.47 15.02 16.49
CA THR A 49 12.93 13.79 17.15
C THR A 49 12.35 12.56 16.44
N ALA A 50 12.90 11.36 16.72
CA ALA A 50 12.42 10.11 16.12
C ALA A 50 10.92 9.85 16.45
N GLU A 51 10.53 9.96 17.74
CA GLU A 51 9.16 9.77 18.21
C GLU A 51 8.17 10.79 17.63
N ASN A 52 8.61 12.03 17.34
CA ASN A 52 7.74 13.03 16.73
C ASN A 52 7.60 12.79 15.24
N LEU A 53 8.69 12.35 14.58
CA LEU A 53 8.63 12.03 13.16
C LEU A 53 7.67 10.85 12.95
N LEU A 54 7.86 9.76 13.74
CA LEU A 54 7.05 8.56 13.65
C LEU A 54 5.56 8.85 13.92
N SER A 55 5.26 9.66 14.97
CA SER A 55 3.90 10.07 15.33
C SER A 55 3.25 10.88 14.22
N THR A 56 4.02 11.77 13.59
CA THR A 56 3.53 12.61 12.48
C THR A 56 3.18 11.74 11.28
N LEU A 57 4.07 10.77 10.94
CA LEU A 57 3.90 9.83 9.84
C LEU A 57 2.67 8.97 10.06
N ASN A 58 2.49 8.47 11.31
CA ASN A 58 1.34 7.66 11.68
C ASN A 58 0.03 8.46 11.57
N ARG A 59 0.01 9.73 11.98
CA ARG A 59 -1.19 10.58 11.86
C ARG A 59 -1.50 10.87 10.38
N LEU A 60 -0.44 10.98 9.53
CA LEU A 60 -0.55 11.16 8.08
C LEU A 60 -1.20 9.90 7.49
N ALA A 61 -0.73 8.70 7.90
CA ALA A 61 -1.28 7.41 7.48
C ALA A 61 -2.81 7.33 7.72
N GLY A 62 -3.28 7.86 8.85
CA GLY A 62 -4.70 7.89 9.22
C GLY A 62 -5.53 8.74 8.27
N LYS A 63 -4.99 9.88 7.83
CA LYS A 63 -5.66 10.77 6.88
C LYS A 63 -5.73 10.07 5.50
N GLN A 64 -4.60 9.48 5.08
CA GLN A 64 -4.45 8.74 3.83
C GLN A 64 -5.38 7.53 3.80
N MET A 65 -5.56 6.86 4.95
CA MET A 65 -6.42 5.68 5.04
C MET A 65 -7.87 5.99 4.72
N ILE A 66 -8.34 7.20 5.09
CA ILE A 66 -9.71 7.67 4.79
C ILE A 66 -9.92 7.71 3.27
N GLN A 67 -8.93 8.23 2.53
N GLN A 67 -8.94 8.22 2.52
CA GLN A 67 -8.96 8.34 1.06
CA GLN A 67 -8.95 8.29 1.06
C GLN A 67 -8.78 6.97 0.36
C GLN A 67 -8.93 6.89 0.46
N VAL A 68 -8.06 6.01 0.99
CA VAL A 68 -7.88 4.64 0.51
C VAL A 68 -9.23 3.88 0.56
N VAL A 69 -9.93 3.99 1.68
CA VAL A 69 -11.23 3.34 1.91
C VAL A 69 -12.30 3.88 0.93
N LYS A 70 -12.31 5.20 0.68
CA LYS A 70 -13.24 5.85 -0.27
C LYS A 70 -12.90 5.44 -1.70
N TRP A 71 -11.61 5.16 -1.97
CA TRP A 71 -11.11 4.70 -3.27
C TRP A 71 -11.52 3.24 -3.52
N ALA A 72 -11.39 2.38 -2.50
CA ALA A 72 -11.70 0.96 -2.60
C ALA A 72 -13.21 0.72 -2.69
N LYS A 73 -14.00 1.54 -1.99
CA LYS A 73 -15.46 1.54 -1.95
C LYS A 73 -16.06 1.53 -3.37
N VAL A 74 -15.51 2.36 -4.28
CA VAL A 74 -15.97 2.54 -5.67
C VAL A 74 -15.05 1.86 -6.71
N LEU A 75 -14.41 0.77 -6.31
CA LEU A 75 -13.49 0.00 -7.14
C LEU A 75 -14.20 -1.18 -7.82
N PRO A 76 -14.14 -1.28 -9.17
CA PRO A 76 -14.79 -2.41 -9.88
C PRO A 76 -14.38 -3.79 -9.35
N GLY A 77 -15.37 -4.61 -9.06
CA GLY A 77 -15.20 -5.95 -8.52
C GLY A 77 -15.23 -5.93 -7.00
N PHE A 78 -14.25 -5.24 -6.39
CA PHE A 78 -14.06 -5.10 -4.93
C PHE A 78 -15.33 -4.58 -4.25
N LYS A 79 -15.98 -3.59 -4.89
CA LYS A 79 -17.22 -2.99 -4.41
C LYS A 79 -18.35 -4.03 -4.22
N ASN A 80 -18.26 -5.19 -4.89
CA ASN A 80 -19.26 -6.25 -4.84
C ASN A 80 -18.96 -7.41 -3.89
N LEU A 81 -17.74 -7.47 -3.31
CA LEU A 81 -17.37 -8.52 -2.32
C LEU A 81 -18.13 -8.29 -1.01
N PRO A 82 -18.37 -9.31 -0.16
CA PRO A 82 -19.02 -9.04 1.14
C PRO A 82 -18.19 -8.08 2.02
N LEU A 83 -18.88 -7.24 2.82
CA LEU A 83 -18.29 -6.26 3.75
C LEU A 83 -17.13 -6.84 4.54
N GLU A 84 -17.30 -8.07 5.06
CA GLU A 84 -16.30 -8.81 5.81
C GLU A 84 -15.00 -8.97 5.00
N ASP A 85 -15.10 -9.32 3.69
CA ASP A 85 -13.97 -9.54 2.80
C ASP A 85 -13.26 -8.24 2.47
N GLN A 86 -14.02 -7.15 2.29
CA GLN A 86 -13.51 -5.82 2.01
C GLN A 86 -12.63 -5.35 3.17
N ILE A 87 -13.10 -5.57 4.43
CA ILE A 87 -12.40 -5.22 5.66
C ILE A 87 -11.12 -6.03 5.77
N THR A 88 -11.23 -7.36 5.63
CA THR A 88 -10.08 -8.27 5.68
C THR A 88 -8.94 -7.80 4.73
N LEU A 89 -9.30 -7.54 3.45
CA LEU A 89 -8.36 -7.15 2.39
C LEU A 89 -7.65 -5.83 2.70
N ILE A 90 -8.42 -4.81 3.15
CA ILE A 90 -7.85 -3.50 3.51
C ILE A 90 -6.90 -3.65 4.71
N GLN A 91 -7.31 -4.43 5.75
CA GLN A 91 -6.50 -4.66 6.95
C GLN A 91 -5.19 -5.37 6.67
N TYR A 92 -5.16 -6.25 5.65
CA TYR A 92 -3.94 -6.96 5.31
C TYR A 92 -2.99 -6.13 4.46
N SER A 93 -3.54 -5.30 3.57
CA SER A 93 -2.80 -4.57 2.55
C SER A 93 -2.64 -3.08 2.74
N TRP A 94 -3.17 -2.47 3.83
CA TRP A 94 -3.06 -1.03 4.02
C TRP A 94 -1.63 -0.50 3.88
N MET A 95 -0.65 -1.23 4.42
CA MET A 95 0.77 -0.85 4.37
C MET A 95 1.32 -0.85 2.95
N SER A 96 1.01 -1.90 2.14
CA SER A 96 1.48 -1.99 0.74
C SER A 96 0.92 -0.83 -0.07
N LEU A 97 -0.35 -0.46 0.17
CA LEU A 97 -1.04 0.63 -0.52
C LEU A 97 -0.41 1.95 -0.22
N LEU A 98 -0.08 2.20 1.06
CA LEU A 98 0.50 3.48 1.46
C LEU A 98 1.96 3.61 1.05
N SER A 99 2.74 2.50 1.14
CA SER A 99 4.13 2.55 0.72
C SER A 99 4.23 2.66 -0.80
N PHE A 100 3.31 1.99 -1.55
CA PHE A 100 3.27 2.09 -3.02
C PHE A 100 2.93 3.50 -3.50
N ALA A 101 1.92 4.14 -2.86
CA ALA A 101 1.54 5.51 -3.21
C ALA A 101 2.67 6.48 -2.85
N LEU A 102 3.38 6.23 -1.73
CA LEU A 102 4.54 7.04 -1.33
C LEU A 102 5.64 6.96 -2.42
N SER A 103 5.91 5.73 -2.95
CA SER A 103 6.87 5.51 -4.07
C SER A 103 6.47 6.26 -5.36
N TRP A 104 5.17 6.31 -5.68
CA TRP A 104 4.66 7.04 -6.83
C TRP A 104 4.89 8.56 -6.67
N ARG A 105 4.49 9.13 -5.51
CA ARG A 105 4.67 10.56 -5.23
C ARG A 105 6.15 10.94 -5.30
N SER A 106 7.02 10.10 -4.68
CA SER A 106 8.47 10.27 -4.63
C SER A 106 9.02 10.39 -6.05
N TYR A 107 8.49 9.54 -6.96
CA TYR A 107 8.86 9.46 -8.37
C TYR A 107 8.39 10.67 -9.17
N LYS A 108 7.11 11.02 -9.06
CA LYS A 108 6.53 12.15 -9.76
C LYS A 108 7.05 13.49 -9.30
N HIS A 109 7.23 13.70 -7.99
CA HIS A 109 7.62 15.00 -7.47
C HIS A 109 9.11 15.24 -7.26
N THR A 110 9.92 14.18 -7.12
CA THR A 110 11.36 14.34 -6.83
C THR A 110 12.25 13.49 -7.71
N ASN A 111 11.69 12.78 -8.70
CA ASN A 111 12.43 11.85 -9.58
C ASN A 111 13.09 10.77 -8.71
N SER A 112 12.44 10.43 -7.55
CA SER A 112 12.87 9.41 -6.59
C SER A 112 14.20 9.71 -5.91
N GLN A 113 14.52 11.01 -5.68
CA GLN A 113 15.70 11.39 -4.89
C GLN A 113 15.28 11.36 -3.39
N PHE A 114 14.01 11.67 -3.09
CA PHE A 114 13.52 11.72 -1.72
C PHE A 114 12.20 11.00 -1.58
N LEU A 115 11.81 10.73 -0.33
CA LEU A 115 10.53 10.14 -0.01
C LEU A 115 9.58 11.29 0.26
N TYR A 116 8.66 11.47 -0.66
CA TYR A 116 7.67 12.52 -0.63
C TYR A 116 6.45 12.03 0.17
N PHE A 117 6.58 12.03 1.51
CA PHE A 117 5.47 11.59 2.37
C PHE A 117 4.24 12.45 2.20
N ALA A 118 4.46 13.76 2.08
CA ALA A 118 3.43 14.78 1.91
C ALA A 118 4.15 16.01 1.33
N PRO A 119 3.49 17.04 0.75
CA PRO A 119 4.27 18.20 0.23
C PRO A 119 5.16 18.90 1.25
N ASP A 120 4.76 18.85 2.54
CA ASP A 120 5.42 19.44 3.70
C ASP A 120 6.28 18.46 4.53
N LEU A 121 6.57 17.26 4.00
CA LEU A 121 7.39 16.26 4.68
C LEU A 121 8.09 15.38 3.61
N VAL A 122 9.25 15.86 3.14
CA VAL A 122 10.08 15.27 2.07
C VAL A 122 11.52 15.01 2.57
N PHE A 123 11.94 13.73 2.65
CA PHE A 123 13.30 13.37 3.09
C PHE A 123 13.72 11.98 2.60
N ASN A 124 15.03 11.64 2.72
CA ASN A 124 15.54 10.29 2.41
C ASN A 124 16.35 9.70 3.59
N GLU A 125 17.04 8.55 3.39
CA GLU A 125 17.84 7.81 4.40
C GLU A 125 18.86 8.68 5.12
N GLU A 126 19.45 9.65 4.41
CA GLU A 126 20.51 10.52 4.96
C GLU A 126 20.09 11.27 6.23
N LYS A 127 18.78 11.44 6.44
CA LYS A 127 18.26 12.09 7.65
C LYS A 127 18.07 11.09 8.80
N MET A 128 18.31 9.79 8.55
CA MET A 128 18.14 8.72 9.55
C MET A 128 19.46 8.30 10.18
N HIS A 129 19.50 8.28 11.51
CA HIS A 129 20.71 7.91 12.25
C HIS A 129 20.64 6.47 12.83
N GLN A 130 19.42 5.98 13.15
CA GLN A 130 19.23 4.62 13.66
C GLN A 130 19.24 3.64 12.48
N SER A 131 20.11 2.61 12.57
CA SER A 131 20.34 1.58 11.56
C SER A 131 19.07 1.01 10.94
N ALA A 132 18.10 0.60 11.77
CA ALA A 132 16.82 0.00 11.37
C ALA A 132 15.98 0.99 10.59
N MET A 133 15.87 2.23 11.08
CA MET A 133 15.12 3.30 10.45
C MET A 133 15.71 3.69 9.09
N TYR A 134 17.06 3.65 8.95
CA TYR A 134 17.78 3.94 7.71
C TYR A 134 17.40 2.89 6.67
N GLU A 135 17.48 1.61 7.04
CA GLU A 135 17.19 0.46 6.16
C GLU A 135 15.74 0.44 5.66
N LEU A 136 14.77 0.82 6.51
CA LEU A 136 13.36 0.86 6.12
C LEU A 136 13.13 1.99 5.12
N CYS A 137 13.75 3.16 5.38
CA CYS A 137 13.77 4.36 4.55
C CYS A 137 14.40 4.03 3.18
N GLN A 138 15.55 3.32 3.19
CA GLN A 138 16.28 2.87 2.00
C GLN A 138 15.48 1.90 1.16
N GLY A 139 14.82 0.93 1.82
CA GLY A 139 13.98 -0.07 1.16
C GLY A 139 12.86 0.61 0.37
N MET A 140 12.22 1.61 0.99
CA MET A 140 11.15 2.37 0.33
C MET A 140 11.68 3.21 -0.82
N HIS A 141 12.88 3.77 -0.68
CA HIS A 141 13.57 4.57 -1.69
C HIS A 141 13.92 3.69 -2.92
N GLN A 142 14.36 2.43 -2.69
CA GLN A 142 14.71 1.45 -3.72
C GLN A 142 13.53 1.09 -4.58
N ILE A 143 12.31 1.08 -4.02
CA ILE A 143 11.10 0.84 -4.83
C ILE A 143 10.89 2.05 -5.75
N SER A 144 11.00 3.25 -5.20
CA SER A 144 10.86 4.51 -5.95
C SER A 144 11.81 4.56 -7.12
N LEU A 145 13.09 4.15 -6.92
CA LEU A 145 14.15 4.15 -7.94
C LEU A 145 13.85 3.16 -9.05
N GLN A 146 13.16 2.07 -8.71
CA GLN A 146 12.70 1.09 -9.67
C GLN A 146 11.60 1.71 -10.58
N PHE A 147 10.85 2.71 -10.08
CA PHE A 147 9.86 3.42 -10.90
C PHE A 147 10.61 4.28 -11.94
N VAL A 148 11.77 4.87 -11.56
CA VAL A 148 12.59 5.67 -12.47
C VAL A 148 13.18 4.76 -13.57
N ARG A 149 13.68 3.57 -13.17
CA ARG A 149 14.27 2.59 -14.07
C ARG A 149 13.23 2.09 -15.06
N LEU A 150 12.02 1.81 -14.59
CA LEU A 150 10.92 1.35 -15.45
C LEU A 150 10.26 2.48 -16.22
N GLN A 151 10.35 3.72 -15.71
CA GLN A 151 9.61 4.87 -16.25
C GLN A 151 8.12 4.45 -16.18
N LEU A 152 7.70 4.07 -14.97
CA LEU A 152 6.36 3.59 -14.67
C LEU A 152 5.32 4.65 -15.04
N THR A 153 4.26 4.23 -15.72
CA THR A 153 3.21 5.16 -16.13
C THR A 153 2.11 5.14 -15.06
N PHE A 154 1.21 6.15 -15.09
CA PHE A 154 0.08 6.26 -14.18
C PHE A 154 -0.91 5.08 -14.33
N GLU A 155 -1.17 4.64 -15.58
CA GLU A 155 -2.05 3.51 -15.91
C GLU A 155 -1.54 2.24 -15.24
N GLU A 156 -0.23 1.96 -15.38
CA GLU A 156 0.42 0.77 -14.81
C GLU A 156 0.32 0.80 -13.30
N TYR A 157 0.63 1.97 -12.71
CA TYR A 157 0.60 2.22 -11.29
C TYR A 157 -0.77 1.94 -10.69
N THR A 158 -1.87 2.48 -11.28
CA THR A 158 -3.22 2.29 -10.74
C THR A 158 -3.66 0.80 -10.75
N ILE A 159 -3.29 0.01 -11.78
CA ILE A 159 -3.64 -1.42 -11.82
C ILE A 159 -2.84 -2.19 -10.76
N MET A 160 -1.51 -1.92 -10.68
CA MET A 160 -0.60 -2.53 -9.72
C MET A 160 -1.08 -2.20 -8.29
N LYS A 161 -1.58 -0.97 -8.08
CA LYS A 161 -2.10 -0.58 -6.77
C LYS A 161 -3.29 -1.48 -6.35
N VAL A 162 -4.19 -1.76 -7.29
CA VAL A 162 -5.34 -2.66 -7.09
C VAL A 162 -4.83 -4.07 -6.77
N LEU A 163 -3.81 -4.54 -7.51
CA LEU A 163 -3.23 -5.86 -7.27
C LEU A 163 -2.64 -5.98 -5.89
N LEU A 164 -2.17 -4.88 -5.29
CA LEU A 164 -1.64 -4.92 -3.93
C LEU A 164 -2.75 -5.06 -2.88
N LEU A 165 -3.94 -4.52 -3.15
CA LEU A 165 -5.14 -4.66 -2.30
C LEU A 165 -5.58 -6.12 -2.28
N LEU A 166 -5.30 -6.86 -3.38
CA LEU A 166 -5.67 -8.27 -3.56
C LEU A 166 -4.48 -9.22 -3.39
N SER A 167 -3.38 -8.75 -2.77
N SER A 167 -3.37 -8.74 -2.77
CA SER A 167 -2.13 -9.51 -2.61
CA SER A 167 -2.11 -9.48 -2.61
C SER A 167 -2.04 -10.41 -1.38
C SER A 167 -2.02 -10.38 -1.37
N THR A 168 -2.91 -10.22 -0.38
CA THR A 168 -2.89 -11.05 0.86
C THR A 168 -4.30 -11.45 1.27
N ILE A 169 -4.49 -12.74 1.55
CA ILE A 169 -5.78 -13.32 1.93
C ILE A 169 -5.64 -14.17 3.19
N PRO A 170 -6.74 -14.51 3.91
CA PRO A 170 -6.60 -15.44 5.05
C PRO A 170 -6.10 -16.80 4.60
N LYS A 171 -5.30 -17.49 5.44
CA LYS A 171 -4.79 -18.85 5.22
C LYS A 171 -5.87 -19.80 4.62
N ASP A 172 -7.09 -19.83 5.21
CA ASP A 172 -8.21 -20.67 4.76
C ASP A 172 -9.20 -19.94 3.82
N GLY A 173 -8.73 -18.88 3.17
CA GLY A 173 -9.49 -18.12 2.20
C GLY A 173 -10.51 -17.14 2.76
N LEU A 174 -11.16 -16.41 1.86
CA LEU A 174 -12.18 -15.40 2.14
C LEU A 174 -13.60 -16.00 2.08
N LYS A 175 -14.62 -15.21 2.44
CA LYS A 175 -16.04 -15.59 2.37
C LYS A 175 -16.36 -15.88 0.89
N SER A 176 -16.21 -14.88 -0.01
CA SER A 176 -16.40 -15.07 -1.45
C SER A 176 -15.03 -15.26 -2.14
N GLN A 177 -14.39 -16.40 -1.86
CA GLN A 177 -13.06 -16.74 -2.41
C GLN A 177 -13.02 -16.76 -3.93
N ALA A 178 -14.01 -17.41 -4.58
CA ALA A 178 -14.11 -17.53 -6.05
C ALA A 178 -14.26 -16.19 -6.75
N ALA A 179 -15.10 -15.30 -6.20
CA ALA A 179 -15.34 -13.95 -6.73
C ALA A 179 -14.04 -13.12 -6.63
N PHE A 180 -13.27 -13.32 -5.53
CA PHE A 180 -12.00 -12.64 -5.31
C PHE A 180 -10.99 -13.14 -6.35
N GLU A 181 -10.95 -14.46 -6.60
CA GLU A 181 -10.02 -15.07 -7.55
C GLU A 181 -10.27 -14.63 -8.98
N GLU A 182 -11.54 -14.40 -9.32
CA GLU A 182 -12.02 -13.93 -10.62
C GLU A 182 -11.56 -12.48 -10.83
N MET A 183 -11.84 -11.61 -9.87
CA MET A 183 -11.47 -10.19 -9.89
C MET A 183 -9.91 -10.01 -9.94
N ARG A 184 -9.16 -10.82 -9.16
CA ARG A 184 -7.71 -10.77 -9.15
C ARG A 184 -7.13 -11.13 -10.53
N THR A 185 -7.58 -12.27 -11.13
CA THR A 185 -7.19 -12.78 -12.47
C THR A 185 -7.52 -11.74 -13.52
N ASN A 186 -8.70 -11.09 -13.41
CA ASN A 186 -9.08 -10.01 -14.32
C ASN A 186 -8.17 -8.81 -14.23
N TYR A 187 -7.74 -8.44 -13.03
CA TYR A 187 -6.83 -7.29 -12.90
C TYR A 187 -5.44 -7.61 -13.43
N ILE A 188 -4.97 -8.87 -13.23
CA ILE A 188 -3.69 -9.36 -13.76
C ILE A 188 -3.74 -9.29 -15.32
N LYS A 189 -4.86 -9.78 -15.93
CA LYS A 189 -5.07 -9.76 -17.39
C LYS A 189 -5.13 -8.33 -17.96
N GLU A 190 -5.75 -7.40 -17.22
CA GLU A 190 -5.80 -5.99 -17.63
C GLU A 190 -4.38 -5.42 -17.64
N LEU A 191 -3.51 -5.84 -16.67
CA LEU A 191 -2.12 -5.38 -16.63
C LEU A 191 -1.34 -5.94 -17.82
N ARG A 192 -1.46 -7.26 -18.04
CA ARG A 192 -0.77 -7.94 -19.13
C ARG A 192 -1.15 -7.37 -20.49
N LYS A 193 -2.45 -7.23 -20.80
CA LYS A 193 -2.93 -6.68 -22.08
C LYS A 193 -2.46 -5.25 -22.29
N MET A 194 -2.56 -4.42 -21.27
CA MET A 194 -2.11 -3.03 -21.34
C MET A 194 -0.60 -2.93 -21.69
N VAL A 195 0.25 -3.73 -21.01
CA VAL A 195 1.69 -3.71 -21.20
C VAL A 195 2.08 -4.29 -22.56
N THR A 196 1.55 -5.49 -22.89
CA THR A 196 1.90 -6.22 -24.10
C THR A 196 1.34 -5.58 -25.36
N LYS A 197 0.24 -4.82 -25.26
CA LYS A 197 -0.37 -4.18 -26.43
C LYS A 197 0.11 -2.77 -26.69
N SER A 198 0.84 -2.17 -25.72
CA SER A 198 1.35 -0.82 -25.88
C SER A 198 2.51 -0.75 -26.89
N PRO A 199 2.46 0.19 -27.86
CA PRO A 199 3.58 0.34 -28.81
C PRO A 199 4.86 0.87 -28.14
N ASN A 200 4.73 1.48 -26.96
CA ASN A 200 5.88 2.01 -26.21
C ASN A 200 6.79 0.91 -25.67
N ASN A 201 6.30 -0.34 -25.61
CA ASN A 201 7.03 -1.49 -25.08
C ASN A 201 7.44 -2.52 -26.15
N SER A 202 7.27 -2.19 -27.44
CA SER A 202 7.59 -3.08 -28.55
C SER A 202 8.97 -3.70 -28.42
N GLY A 203 9.03 -5.01 -28.58
CA GLY A 203 10.26 -5.78 -28.49
C GLY A 203 10.64 -6.22 -27.10
N GLN A 204 9.99 -5.65 -26.06
CA GLN A 204 10.29 -5.98 -24.65
C GLN A 204 9.07 -5.95 -23.71
N SER A 205 7.83 -6.01 -24.28
CA SER A 205 6.60 -5.94 -23.52
C SER A 205 6.44 -7.07 -22.48
N TRP A 206 6.76 -8.33 -22.83
CA TRP A 206 6.68 -9.44 -21.88
C TRP A 206 7.73 -9.34 -20.77
N GLN A 207 8.94 -8.90 -21.13
CA GLN A 207 10.03 -8.68 -20.17
C GLN A 207 9.57 -7.62 -19.16
N ARG A 208 8.89 -6.56 -19.64
CA ARG A 208 8.39 -5.48 -18.79
C ARG A 208 7.28 -5.99 -17.85
N PHE A 209 6.30 -6.75 -18.38
CA PHE A 209 5.21 -7.30 -17.59
C PHE A 209 5.79 -8.11 -16.42
N TYR A 210 6.78 -8.99 -16.70
CA TYR A 210 7.43 -9.78 -15.67
C TYR A 210 8.27 -8.91 -14.68
N GLN A 211 8.76 -7.73 -15.09
CA GLN A 211 9.44 -6.79 -14.19
C GLN A 211 8.42 -6.15 -13.23
N LEU A 212 7.20 -5.86 -13.71
CA LEU A 212 6.14 -5.26 -12.88
C LEU A 212 5.65 -6.29 -11.85
N THR A 213 5.41 -7.54 -12.29
CA THR A 213 4.98 -8.62 -11.40
C THR A 213 6.10 -8.95 -10.39
N LYS A 214 7.40 -8.87 -10.79
CA LYS A 214 8.50 -9.06 -9.82
C LYS A 214 8.53 -7.90 -8.79
N LEU A 215 8.23 -6.68 -9.24
CA LEU A 215 8.20 -5.53 -8.36
C LEU A 215 7.05 -5.66 -7.32
N LEU A 216 5.91 -6.26 -7.71
CA LEU A 216 4.77 -6.54 -6.82
C LEU A 216 5.14 -7.60 -5.79
N ASP A 217 5.85 -8.67 -6.21
CA ASP A 217 6.32 -9.70 -5.29
C ASP A 217 7.29 -9.12 -4.28
N SER A 218 8.19 -8.24 -4.74
CA SER A 218 9.20 -7.61 -3.88
C SER A 218 8.56 -6.63 -2.87
N MET A 219 7.29 -6.21 -3.14
CA MET A 219 6.51 -5.37 -2.23
C MET A 219 6.16 -6.17 -0.97
N HIS A 220 5.97 -7.51 -1.07
CA HIS A 220 5.70 -8.38 0.08
C HIS A 220 6.89 -8.36 1.04
N ASP A 221 8.12 -8.39 0.51
CA ASP A 221 9.36 -8.35 1.31
C ASP A 221 9.54 -7.02 2.03
N LEU A 222 9.35 -5.89 1.31
CA LEU A 222 9.50 -4.58 1.93
C LEU A 222 8.42 -4.38 3.01
N VAL A 223 7.17 -4.68 2.67
CA VAL A 223 6.02 -4.49 3.54
C VAL A 223 6.15 -5.34 4.77
N SER A 224 6.66 -6.58 4.65
CA SER A 224 6.94 -7.45 5.79
C SER A 224 7.81 -6.69 6.81
N ASP A 225 8.89 -6.06 6.33
CA ASP A 225 9.80 -5.30 7.19
C ASP A 225 9.16 -4.04 7.79
N LEU A 226 8.37 -3.27 7.00
CA LEU A 226 7.72 -2.05 7.49
C LEU A 226 6.68 -2.44 8.53
N LEU A 227 5.96 -3.56 8.32
CA LEU A 227 4.96 -4.05 9.27
C LEU A 227 5.60 -4.53 10.57
N GLU A 228 6.76 -5.22 10.51
CA GLU A 228 7.42 -5.66 11.74
C GLU A 228 7.78 -4.46 12.66
N PHE A 229 8.31 -3.37 12.07
CA PHE A 229 8.63 -2.17 12.85
C PHE A 229 7.36 -1.48 13.36
N CYS A 230 6.30 -1.51 12.53
CA CYS A 230 5.00 -0.92 12.87
C CYS A 230 4.34 -1.63 14.05
N PHE A 231 4.38 -2.99 14.02
CA PHE A 231 3.84 -3.83 15.09
C PHE A 231 4.59 -3.60 16.39
N TYR A 232 5.92 -3.39 16.31
CA TYR A 232 6.75 -3.09 17.46
C TYR A 232 6.40 -1.74 18.06
N THR A 233 6.45 -0.67 17.26
CA THR A 233 6.12 0.68 17.73
C THR A 233 4.68 0.75 18.22
N PHE A 234 3.78 -0.15 17.73
CA PHE A 234 2.40 -0.19 18.19
C PHE A 234 2.35 -0.83 19.57
N ARG A 235 2.89 -2.04 19.73
CA ARG A 235 2.93 -2.70 21.04
C ARG A 235 3.63 -1.83 22.11
N GLU A 236 4.78 -1.20 21.77
CA GLU A 236 5.56 -0.35 22.68
C GLU A 236 5.27 1.14 22.51
N SER A 237 4.09 1.48 21.96
CA SER A 237 3.63 2.85 21.73
C SER A 237 3.84 3.79 22.92
N HIS A 238 3.34 3.40 24.11
CA HIS A 238 3.42 4.21 25.34
C HIS A 238 4.87 4.43 25.81
N ALA A 239 5.67 3.33 25.89
CA ALA A 239 7.09 3.35 26.29
C ALA A 239 7.93 4.18 25.31
N LEU A 240 7.74 3.99 23.97
CA LEU A 240 8.49 4.70 22.92
C LEU A 240 7.95 6.08 22.64
N LYS A 241 6.76 6.40 23.16
CA LYS A 241 6.08 7.68 22.94
C LYS A 241 5.77 7.89 21.44
N VAL A 242 5.38 6.78 20.75
CA VAL A 242 5.03 6.81 19.33
C VAL A 242 3.51 6.74 19.26
N GLU A 243 2.89 7.80 18.79
CA GLU A 243 1.43 7.95 18.69
C GLU A 243 0.86 7.38 17.38
N PHE A 244 -0.34 6.82 17.45
CA PHE A 244 -1.09 6.23 16.34
C PHE A 244 -2.49 6.85 16.29
N PRO A 245 -3.04 7.16 15.09
CA PRO A 245 -4.43 7.67 15.03
C PRO A 245 -5.43 6.53 15.26
N ALA A 246 -6.71 6.85 15.50
CA ALA A 246 -7.73 5.83 15.76
C ALA A 246 -7.89 4.81 14.63
N MET A 247 -7.81 5.27 13.37
CA MET A 247 -7.92 4.41 12.21
C MET A 247 -6.88 3.26 12.26
N LEU A 248 -5.61 3.59 12.55
CA LEU A 248 -4.51 2.63 12.65
C LEU A 248 -4.61 1.76 13.91
N VAL A 249 -5.04 2.34 15.02
CA VAL A 249 -5.22 1.58 16.27
C VAL A 249 -6.18 0.41 16.01
N GLU A 250 -7.33 0.68 15.39
CA GLU A 250 -8.34 -0.34 15.08
C GLU A 250 -7.83 -1.35 14.03
N ILE A 251 -7.21 -0.86 12.94
CA ILE A 251 -6.67 -1.72 11.89
C ILE A 251 -5.59 -2.66 12.46
N ILE A 252 -4.53 -2.10 13.10
CA ILE A 252 -3.42 -2.92 13.65
C ILE A 252 -3.95 -3.92 14.70
N SER A 253 -4.91 -3.49 15.56
CA SER A 253 -5.54 -4.36 16.57
C SER A 253 -6.16 -5.60 15.94
N ASP A 254 -6.76 -5.50 14.74
CA ASP A 254 -7.34 -6.68 14.05
C ASP A 254 -6.31 -7.46 13.24
N GLN A 255 -5.38 -6.76 12.58
CA GLN A 255 -4.35 -7.34 11.72
C GLN A 255 -3.29 -8.12 12.52
N LEU A 256 -2.73 -7.51 13.59
CA LEU A 256 -1.66 -8.11 14.37
C LEU A 256 -1.98 -9.58 14.82
N PRO A 257 -3.11 -9.89 15.52
CA PRO A 257 -3.42 -11.31 15.85
C PRO A 257 -3.51 -12.24 14.65
N LYS A 258 -3.95 -11.75 13.47
CA LYS A 258 -4.01 -12.58 12.26
C LYS A 258 -2.61 -12.91 11.75
N VAL A 259 -1.71 -11.92 11.68
CA VAL A 259 -0.32 -12.07 11.23
C VAL A 259 0.47 -12.98 12.21
N GLU A 260 0.37 -12.71 13.52
CA GLU A 260 1.03 -13.43 14.60
C GLU A 260 0.68 -14.92 14.64
N SER A 261 -0.59 -15.25 14.36
CA SER A 261 -1.09 -16.63 14.35
C SER A 261 -0.83 -17.40 13.03
N GLY A 262 -0.23 -16.72 12.04
CA GLY A 262 0.04 -17.31 10.73
C GLY A 262 -1.17 -17.30 9.82
N ASN A 263 -2.22 -16.55 10.19
CA ASN A 263 -3.44 -16.41 9.38
C ASN A 263 -3.28 -15.23 8.41
N ALA A 264 -2.36 -15.38 7.44
CA ALA A 264 -2.06 -14.38 6.41
C ALA A 264 -1.31 -15.09 5.31
N LYS A 265 -1.94 -15.21 4.14
CA LYS A 265 -1.37 -15.89 2.99
C LYS A 265 -0.98 -14.88 1.90
N PRO A 266 0.30 -14.47 1.82
CA PRO A 266 0.70 -13.57 0.73
C PRO A 266 0.67 -14.31 -0.62
N LEU A 267 0.07 -13.69 -1.63
CA LEU A 267 -0.02 -14.25 -2.97
C LEU A 267 1.13 -13.75 -3.82
N TYR A 268 1.88 -14.67 -4.40
CA TYR A 268 3.04 -14.33 -5.25
C TYR A 268 2.82 -14.60 -6.75
N PHE A 269 3.56 -13.88 -7.61
CA PHE A 269 3.54 -14.12 -9.05
C PHE A 269 4.61 -15.14 -9.46
N HIS A 270 5.82 -15.03 -8.88
CA HIS A 270 6.97 -15.88 -9.19
C HIS A 270 7.46 -16.75 -8.01
N ARG A 271 6.63 -16.90 -6.96
CA ARG A 271 6.94 -17.70 -5.77
C ARG A 271 5.70 -18.48 -5.34
N GLN B 4 -16.40 -3.92 20.27
CA GLN B 4 -17.20 -3.15 21.23
C GLN B 4 -18.12 -2.12 20.54
N GLN B 5 -17.77 -1.68 19.31
CA GLN B 5 -18.50 -0.71 18.47
C GLN B 5 -18.06 -0.82 16.99
N LYS B 6 -18.83 -0.20 16.07
CA LYS B 6 -18.51 -0.20 14.64
C LYS B 6 -17.17 0.49 14.38
N SER B 7 -16.27 -0.17 13.62
CA SER B 7 -14.96 0.40 13.31
C SER B 7 -15.06 1.57 12.33
N LEU B 8 -14.01 2.41 12.29
CA LEU B 8 -13.92 3.53 11.36
C LEU B 8 -13.89 2.99 9.93
N LEU B 9 -13.16 1.88 9.71
CA LEU B 9 -13.05 1.18 8.41
C LEU B 9 -14.46 0.70 7.94
N GLN B 10 -15.23 -0.01 8.80
CA GLN B 10 -16.60 -0.44 8.53
C GLN B 10 -17.55 0.74 8.23
N GLN B 11 -17.55 1.80 9.08
CA GLN B 11 -18.37 3.01 8.87
C GLN B 11 -18.08 3.65 7.51
N LEU B 12 -16.80 3.75 7.11
CA LEU B 12 -16.44 4.38 5.83
C LEU B 12 -16.89 3.58 4.61
N LEU B 13 -16.85 2.25 4.73
CA LEU B 13 -17.23 1.32 3.68
C LEU B 13 -18.75 1.25 3.50
N THR B 14 -19.53 1.55 4.57
CA THR B 14 -20.98 1.44 4.57
C THR B 14 -21.75 2.79 4.60
N GLU B 15 -21.04 3.94 4.60
CA GLU B 15 -21.69 5.26 4.62
C GLU B 15 -22.22 5.68 3.25
S DMS C . 2.24 1.58 -20.55
O DMS C . 2.44 0.13 -20.78
C1 DMS C . 0.51 1.91 -20.71
C2 DMS C . 2.83 2.46 -21.97
C1 GOL D . 16.48 0.37 -8.93
O1 GOL D . 16.13 0.06 -10.26
C2 GOL D . 17.88 0.96 -8.86
O2 GOL D . 18.81 0.10 -9.52
C3 GOL D . 18.18 1.00 -7.38
O3 GOL D . 19.40 1.67 -7.17
S SO4 E . 2.69 -8.73 3.14
O1 SO4 E . 1.74 -9.84 3.19
O2 SO4 E . 2.52 -7.87 4.32
O3 SO4 E . 2.44 -7.91 1.96
O4 SO4 E . 4.05 -9.25 3.12
C1 CV7 F . 4.23 2.81 10.08
C2 CV7 F . 5.39 3.72 9.65
C3 CV7 F . 5.00 5.20 9.69
C4 CV7 F . 3.93 5.57 8.66
C6 CV7 F . 4.26 5.14 7.22
C8 CV7 F . 4.87 3.72 7.10
C10 CV7 F . 5.88 3.44 8.23
C12 CV7 F . 6.61 2.12 8.36
C13 CV7 F . 7.24 2.18 9.75
C15 CV7 F . 6.65 3.38 10.47
O16 CV7 F . 7.65 4.41 10.39
C17 CV7 F . 8.89 3.74 10.18
O19 CV7 F . 8.64 2.46 9.62
C20 CV7 F . 9.80 4.45 9.21
C21 CV7 F . 9.26 5.73 8.63
C22 CV7 F . 10.20 6.27 7.57
C23 CV7 F . 11.62 6.41 8.08
C24 CV7 F . 12.11 5.14 8.73
C25 CV7 F . 11.16 4.68 9.82
C26 CV7 F . 6.40 3.09 11.95
O27 CV7 F . 6.34 1.95 12.38
C28 CV7 F . 6.23 4.25 12.92
O29 CV7 F . 5.50 3.80 14.06
C30 CV7 F . 5.51 3.58 5.72
C31 CV7 F . 4.52 3.83 4.59
C32 CV7 F . 3.77 5.11 4.82
C33 CV7 F . 3.74 6.02 3.86
C34 CV7 F . 3.04 7.31 4.09
O35 CV7 F . 2.95 8.15 3.21
C36 CV7 F . 2.45 7.63 5.42
C37 CV7 F . 2.52 6.66 6.34
C38 CV7 F . 3.12 5.31 6.17
C39 CV7 F . 1.96 4.31 6.31
O40 CV7 F . 2.66 5.10 9.13
#